data_5GWX
#
_entry.id   5GWX
#
_cell.length_a   51.733
_cell.length_b   120.710
_cell.length_c   130.922
_cell.angle_alpha   90.00
_cell.angle_beta   90.00
_cell.angle_gamma   90.00
#
_symmetry.space_group_name_H-M   'I 2 2 2'
#
loop_
_entity.id
_entity.type
_entity.pdbx_description
1 polymer 'Glycine sarcosine N-methyltransferase'
2 non-polymer S-ADENOSYLMETHIONINE
3 non-polymer SARCOSINE
4 non-polymer 1,2-ETHANEDIOL
5 water water
#
_entity_poly.entity_id   1
_entity_poly.type   'polypeptide(L)'
_entity_poly.pdbx_seq_one_letter_code
;MGSSHHHHHHSSGLVPRGSHMMNQYGKQDFGDNPIEVRESDHYEEEYVLGFVDKWDELIDWESRAESEGDTIINILKERG
VKKVLDVATGTGFNSVRLLQAGFDVVSADGSAEMLVKAFDNARDHGYLMRTVQADWRWMNKDIHDKFDAIVCLGNSFTHL
FDEGDRRKALAEFYALLKHDGVLLLDQRNYDAILDDGYSSKHAHYYCGDTVSVYPEHVDEGLARFKYEFSDGSVYNLNMF
PLRKDYTRQLLHEVGFQEINTLGDFKETYKEDEPDFFLHVAEKN
;
_entity_poly.pdbx_strand_id   A
#
loop_
_chem_comp.id
_chem_comp.type
_chem_comp.name
_chem_comp.formula
EDO non-polymer 1,2-ETHANEDIOL 'C2 H6 O2'
SAM non-polymer S-ADENOSYLMETHIONINE 'C15 H22 N6 O5 S'
#
# COMPACT_ATOMS: atom_id res chain seq x y z
N GLU A 36 11.96 3.07 -28.69
CA GLU A 36 12.76 1.99 -28.11
C GLU A 36 12.07 1.35 -26.90
N VAL A 37 12.81 1.22 -25.80
CA VAL A 37 12.29 0.60 -24.58
C VAL A 37 11.38 1.58 -23.84
N ARG A 38 11.28 2.81 -24.36
CA ARG A 38 10.31 3.76 -23.82
C ARG A 38 8.88 3.28 -24.07
N GLU A 39 8.65 2.60 -25.18
CA GLU A 39 7.33 2.02 -25.43
C GLU A 39 6.95 1.03 -24.34
N SER A 40 7.90 0.20 -23.91
CA SER A 40 7.62 -0.85 -22.94
C SER A 40 7.36 -0.26 -21.55
N ASP A 41 8.24 0.63 -21.10
CA ASP A 41 8.02 1.28 -19.81
C ASP A 41 6.69 2.03 -19.81
N HIS A 42 6.36 2.70 -20.92
CA HIS A 42 5.05 3.33 -21.00
C HIS A 42 3.93 2.30 -20.92
N TYR A 43 4.15 1.09 -21.46
CA TYR A 43 3.10 0.08 -21.40
C TYR A 43 2.89 -0.41 -19.97
N GLU A 44 3.97 -0.66 -19.24
CA GLU A 44 3.81 -1.19 -17.90
C GLU A 44 3.15 -0.16 -16.99
N GLU A 45 3.47 1.13 -17.18
CA GLU A 45 2.76 2.16 -16.43
C GLU A 45 1.30 2.23 -16.85
N GLU A 46 1.04 2.17 -18.16
CA GLU A 46 -0.34 2.22 -18.62
C GLU A 46 -1.13 0.99 -18.17
N TYR A 47 -0.46 -0.16 -18.03
CA TYR A 47 -1.14 -1.38 -17.60
C TYR A 47 -1.65 -1.25 -16.18
N VAL A 48 -0.78 -0.80 -15.28
CA VAL A 48 -1.17 -0.58 -13.89
C VAL A 48 -2.20 0.54 -13.79
N LEU A 49 -2.06 1.60 -14.60
CA LEU A 49 -3.06 2.65 -14.59
C LEU A 49 -4.43 2.11 -14.99
N GLY A 50 -4.46 1.21 -15.97
CA GLY A 50 -5.72 0.58 -16.32
C GLY A 50 -6.26 -0.27 -15.20
N PHE A 51 -5.36 -0.95 -14.48
CA PHE A 51 -5.74 -1.76 -13.34
C PHE A 51 -6.40 -0.92 -12.25
N VAL A 52 -5.78 0.21 -11.86
CA VAL A 52 -6.40 0.97 -10.79
C VAL A 52 -7.70 1.61 -11.27
N ASP A 53 -7.80 1.95 -12.55
CA ASP A 53 -9.05 2.48 -13.08
C ASP A 53 -10.16 1.46 -12.98
N LYS A 54 -9.86 0.20 -13.33
CA LYS A 54 -10.85 -0.87 -13.22
C LYS A 54 -11.25 -1.10 -11.77
N TRP A 55 -10.28 -1.09 -10.86
CA TRP A 55 -10.58 -1.22 -9.44
C TRP A 55 -11.51 -0.10 -8.99
N ASP A 56 -11.19 1.14 -9.33
CA ASP A 56 -12.03 2.25 -8.91
C ASP A 56 -13.37 2.27 -9.64
N GLU A 57 -13.41 1.71 -10.86
CA GLU A 57 -14.66 1.69 -11.62
C GLU A 57 -15.70 0.82 -10.92
N LEU A 58 -15.28 -0.33 -10.40
CA LEU A 58 -16.17 -1.35 -9.91
C LEU A 58 -16.25 -1.41 -8.39
N ILE A 59 -15.33 -0.77 -7.67
CA ILE A 59 -15.30 -0.85 -6.21
C ILE A 59 -15.39 0.58 -5.69
N ASP A 60 -16.59 1.00 -5.30
CA ASP A 60 -16.76 2.37 -4.84
C ASP A 60 -16.15 2.57 -3.47
N TRP A 61 -15.67 3.81 -3.24
CA TRP A 61 -14.87 4.07 -2.05
C TRP A 61 -15.68 3.99 -0.75
N GLU A 62 -16.98 4.28 -0.79
CA GLU A 62 -17.74 4.19 0.46
C GLU A 62 -17.84 2.74 0.92
N SER A 63 -18.09 1.80 -0.01
CA SER A 63 -18.08 0.38 0.33
C SER A 63 -16.73 -0.04 0.90
N ARG A 64 -15.66 0.51 0.34
CA ARG A 64 -14.32 0.19 0.80
C ARG A 64 -14.05 0.76 2.18
N ALA A 65 -14.50 1.99 2.43
CA ALA A 65 -14.30 2.61 3.74
C ALA A 65 -15.04 1.83 4.83
N GLU A 66 -16.24 1.34 4.52
CA GLU A 66 -16.97 0.60 5.55
C GLU A 66 -16.36 -0.78 5.76
N SER A 67 -15.79 -1.38 4.72
CA SER A 67 -15.12 -2.67 4.86
C SER A 67 -13.79 -2.53 5.58
N GLU A 68 -12.96 -1.57 5.17
CA GLU A 68 -11.84 -1.18 6.00
C GLU A 68 -12.35 -0.73 7.36
N GLY A 69 -11.61 -1.00 8.41
CA GLY A 69 -12.05 -0.49 9.68
C GLY A 69 -11.87 1.02 9.76
N ASP A 70 -12.01 1.52 10.99
CA ASP A 70 -11.36 2.75 11.41
C ASP A 70 -10.12 2.47 12.24
N THR A 71 -9.57 1.27 12.10
CA THR A 71 -8.39 0.88 12.88
C THR A 71 -7.21 1.79 12.57
N ILE A 72 -6.92 2.02 11.30
CA ILE A 72 -5.82 2.90 10.94
C ILE A 72 -6.04 4.28 11.54
N ILE A 73 -7.24 4.83 11.37
CA ILE A 73 -7.52 6.18 11.87
C ILE A 73 -7.36 6.25 13.38
N ASN A 74 -7.83 5.23 14.08
CA ASN A 74 -7.78 5.27 15.54
C ASN A 74 -6.35 5.11 16.03
N ILE A 75 -5.58 4.24 15.37
CA ILE A 75 -4.16 4.12 15.70
C ILE A 75 -3.48 5.49 15.63
N LEU A 76 -3.69 6.23 14.53
CA LEU A 76 -3.11 7.56 14.41
C LEU A 76 -3.67 8.52 15.47
N LYS A 77 -4.98 8.48 15.69
CA LYS A 77 -5.58 9.38 16.67
C LYS A 77 -5.08 9.07 18.07
N GLU A 78 -4.99 7.79 18.43
CA GLU A 78 -4.49 7.41 19.74
C GLU A 78 -3.06 7.91 19.98
N ARG A 79 -2.27 8.09 18.91
CA ARG A 79 -0.94 8.65 19.04
C ARG A 79 -0.90 10.16 18.86
N GLY A 80 -2.06 10.82 18.79
CA GLY A 80 -2.11 12.26 18.60
C GLY A 80 -1.52 12.75 17.29
N VAL A 81 -1.57 11.93 16.24
CA VAL A 81 -1.03 12.31 14.94
C VAL A 81 -1.83 13.46 14.36
N LYS A 82 -1.14 14.49 13.86
CA LYS A 82 -1.77 15.51 13.06
C LYS A 82 -1.33 15.49 11.61
N LYS A 83 -0.04 15.31 11.37
CA LYS A 83 0.57 15.52 10.06
C LYS A 83 0.95 14.15 9.48
N VAL A 84 0.38 13.82 8.32
CA VAL A 84 0.55 12.51 7.72
C VAL A 84 1.09 12.67 6.31
N LEU A 85 2.08 11.85 5.97
CA LEU A 85 2.58 11.71 4.61
C LEU A 85 2.15 10.35 4.08
N ASP A 86 1.42 10.33 2.97
CA ASP A 86 1.03 9.12 2.26
C ASP A 86 2.03 8.93 1.12
N VAL A 87 2.84 7.88 1.19
CA VAL A 87 3.90 7.64 0.22
C VAL A 87 3.45 6.71 -0.89
N ALA A 88 2.22 6.22 -0.84
CA ALA A 88 1.68 5.35 -1.87
C ALA A 88 0.25 5.78 -2.17
N THR A 89 0.10 7.04 -2.58
CA THR A 89 -1.24 7.62 -2.75
C THR A 89 -2.08 6.83 -3.75
N GLY A 90 -1.47 6.32 -4.81
CA GLY A 90 -2.25 5.64 -5.84
C GLY A 90 -3.35 6.57 -6.32
N THR A 91 -4.59 6.06 -6.43
CA THR A 91 -5.70 6.91 -6.80
C THR A 91 -6.32 7.64 -5.62
N GLY A 92 -5.71 7.57 -4.44
CA GLY A 92 -6.02 8.52 -3.37
C GLY A 92 -6.92 8.03 -2.25
N PHE A 93 -7.29 6.75 -2.23
CA PHE A 93 -8.26 6.30 -1.23
C PHE A 93 -7.78 6.54 0.20
N ASN A 94 -6.55 6.13 0.53
CA ASN A 94 -6.05 6.32 1.89
C ASN A 94 -5.96 7.80 2.24
N SER A 95 -5.45 8.61 1.31
CA SER A 95 -5.29 10.04 1.56
C SER A 95 -6.63 10.71 1.80
N VAL A 96 -7.62 10.41 0.95
CA VAL A 96 -8.94 11.01 1.10
C VAL A 96 -9.59 10.58 2.41
N ARG A 97 -9.42 9.31 2.79
CA ARG A 97 -9.92 8.85 4.07
C ARG A 97 -9.31 9.64 5.21
N LEU A 98 -8.00 9.90 5.15
CA LEU A 98 -7.34 10.64 6.21
C LEU A 98 -7.73 12.12 6.18
N LEU A 99 -7.91 12.69 4.98
CA LEU A 99 -8.39 14.05 4.91
C LEU A 99 -9.79 14.16 5.51
N GLN A 100 -10.66 13.18 5.21
CA GLN A 100 -11.99 13.17 5.80
C GLN A 100 -11.92 13.05 7.31
N ALA A 101 -10.93 12.28 7.81
CA ALA A 101 -10.79 12.10 9.25
C ALA A 101 -10.25 13.35 9.93
N GLY A 102 -9.79 14.34 9.17
CA GLY A 102 -9.30 15.58 9.74
C GLY A 102 -7.81 15.69 9.86
N PHE A 103 -7.05 14.76 9.30
CA PHE A 103 -5.60 14.86 9.33
C PHE A 103 -5.11 15.86 8.29
N ASP A 104 -3.94 16.42 8.56
CA ASP A 104 -3.21 17.19 7.56
C ASP A 104 -2.36 16.21 6.76
N VAL A 105 -2.63 16.08 5.46
CA VAL A 105 -2.08 15.00 4.64
C VAL A 105 -1.29 15.57 3.47
N VAL A 106 -0.08 15.09 3.29
CA VAL A 106 0.66 15.27 2.04
C VAL A 106 0.61 13.95 1.28
N SER A 107 0.25 14.02 -0.01
CA SER A 107 -0.01 12.83 -0.84
C SER A 107 1.09 12.67 -1.88
N ALA A 108 2.01 11.77 -1.62
CA ALA A 108 3.11 11.51 -2.53
C ALA A 108 2.89 10.20 -3.27
N ASP A 109 3.46 10.12 -4.48
CA ASP A 109 3.46 8.92 -5.30
C ASP A 109 4.56 9.08 -6.33
N GLY A 110 5.17 7.95 -6.73
CA GLY A 110 6.14 8.00 -7.80
C GLY A 110 5.55 8.36 -9.15
N SER A 111 4.24 8.18 -9.34
CA SER A 111 3.59 8.32 -10.64
C SER A 111 2.78 9.60 -10.71
N ALA A 112 3.14 10.47 -11.65
CA ALA A 112 2.40 11.71 -11.83
C ALA A 112 0.96 11.45 -12.25
N GLU A 113 0.74 10.44 -13.09
CA GLU A 113 -0.60 10.13 -13.57
C GLU A 113 -1.49 9.61 -12.45
N MET A 114 -0.93 8.85 -11.50
CA MET A 114 -1.66 8.45 -10.31
C MET A 114 -2.12 9.68 -9.52
N LEU A 115 -1.18 10.61 -9.29
CA LEU A 115 -1.50 11.79 -8.50
C LEU A 115 -2.59 12.64 -9.14
N VAL A 116 -2.63 12.70 -10.48
CA VAL A 116 -3.73 13.38 -11.16
C VAL A 116 -5.07 12.71 -10.79
N LYS A 117 -5.13 11.38 -10.90
CA LYS A 117 -6.34 10.67 -10.52
C LYS A 117 -6.66 10.91 -9.04
N ALA A 118 -5.64 10.86 -8.18
CA ALA A 118 -5.88 11.05 -6.75
C ALA A 118 -6.42 12.45 -6.49
N PHE A 119 -5.80 13.45 -7.09
CA PHE A 119 -6.24 14.83 -6.87
C PHE A 119 -7.68 15.02 -7.31
N ASP A 120 -8.03 14.51 -8.49
CA ASP A 120 -9.39 14.68 -9.00
C ASP A 120 -10.39 13.85 -8.19
N ASN A 121 -9.97 12.69 -7.68
CA ASN A 121 -10.86 11.94 -6.78
C ASN A 121 -11.10 12.71 -5.48
N ALA A 122 -10.03 13.26 -4.89
CA ALA A 122 -10.20 14.07 -3.69
C ALA A 122 -11.10 15.25 -3.97
N ARG A 123 -10.87 15.92 -5.09
CA ARG A 123 -11.74 17.01 -5.55
C ARG A 123 -13.21 16.59 -5.58
N ASP A 124 -13.49 15.42 -6.15
CA ASP A 124 -14.86 14.95 -6.24
C ASP A 124 -15.46 14.72 -4.85
N HIS A 125 -14.63 14.42 -3.85
CA HIS A 125 -15.10 14.23 -2.48
C HIS A 125 -15.06 15.53 -1.66
N GLY A 126 -14.75 16.66 -2.28
CA GLY A 126 -14.78 17.94 -1.59
C GLY A 126 -13.50 18.33 -0.89
N TYR A 127 -12.37 17.71 -1.23
CA TYR A 127 -11.10 17.98 -0.56
C TYR A 127 -10.05 18.40 -1.56
N LEU A 128 -9.21 19.34 -1.13
CA LEU A 128 -8.03 19.78 -1.87
C LEU A 128 -6.85 18.91 -1.44
N MET A 129 -6.43 18.01 -2.32
CA MET A 129 -5.26 17.19 -2.08
C MET A 129 -3.97 17.99 -2.31
N ARG A 130 -2.93 17.66 -1.55
CA ARG A 130 -1.60 18.26 -1.76
C ARG A 130 -0.68 17.18 -2.33
N THR A 131 -0.53 17.17 -3.66
CA THR A 131 0.20 16.11 -4.33
C THR A 131 1.68 16.48 -4.49
N VAL A 132 2.55 15.48 -4.34
CA VAL A 132 3.98 15.62 -4.62
C VAL A 132 4.45 14.36 -5.33
N GLN A 133 5.02 14.50 -6.50
CA GLN A 133 5.66 13.36 -7.14
C GLN A 133 7.02 13.10 -6.50
N ALA A 134 7.26 11.85 -6.07
CA ALA A 134 8.46 11.55 -5.29
C ALA A 134 8.78 10.07 -5.42
N ASP A 135 10.05 9.77 -5.60
CA ASP A 135 10.53 8.39 -5.60
C ASP A 135 10.97 8.00 -4.20
N TRP A 136 10.61 6.78 -3.78
CA TRP A 136 10.90 6.33 -2.42
C TRP A 136 12.39 6.37 -2.11
N ARG A 137 13.25 6.26 -3.13
CA ARG A 137 14.68 6.20 -2.90
C ARG A 137 15.28 7.56 -2.61
N TRP A 138 14.55 8.64 -2.85
CA TRP A 138 14.98 10.00 -2.53
C TRP A 138 13.71 10.79 -2.19
N MET A 139 13.12 10.48 -1.04
CA MET A 139 11.86 11.08 -0.65
C MET A 139 12.00 12.55 -0.26
N ASN A 140 13.12 12.95 0.33
CA ASN A 140 13.19 14.33 0.76
C ASN A 140 13.78 15.26 -0.30
N LYS A 141 13.88 14.80 -1.55
CA LYS A 141 14.28 15.67 -2.65
C LYS A 141 13.34 16.88 -2.75
N ASP A 142 12.04 16.64 -2.68
CA ASP A 142 11.07 17.73 -2.77
C ASP A 142 10.11 17.77 -1.59
N ILE A 143 10.29 16.91 -0.60
CA ILE A 143 9.53 16.97 0.64
C ILE A 143 10.50 17.36 1.73
N HIS A 144 10.31 18.54 2.32
CA HIS A 144 11.28 19.05 3.26
C HIS A 144 10.75 19.10 4.69
N ASP A 145 9.48 18.77 4.89
CA ASP A 145 8.86 18.74 6.21
C ASP A 145 9.07 17.38 6.88
N LYS A 146 8.76 17.31 8.18
CA LYS A 146 8.70 16.05 8.91
C LYS A 146 7.27 15.77 9.36
N PHE A 147 6.98 14.49 9.61
CA PHE A 147 5.60 14.03 9.75
C PHE A 147 5.44 13.21 11.01
N ASP A 148 4.24 13.30 11.58
CA ASP A 148 3.92 12.45 12.74
C ASP A 148 3.72 11.01 12.30
N ALA A 149 3.26 10.78 11.09
CA ALA A 149 3.06 9.43 10.60
C ALA A 149 3.30 9.37 9.11
N ILE A 150 3.64 8.18 8.65
CA ILE A 150 3.69 7.86 7.23
C ILE A 150 2.80 6.64 7.02
N VAL A 151 1.97 6.67 5.98
CA VAL A 151 1.23 5.49 5.58
C VAL A 151 1.74 5.03 4.22
N CYS A 152 2.01 3.74 4.12
CA CYS A 152 2.45 3.04 2.92
C CYS A 152 1.55 1.80 2.83
N LEU A 153 0.33 1.98 2.33
CA LEU A 153 -0.72 0.98 2.41
C LEU A 153 -1.09 0.48 1.01
N GLY A 154 -2.04 -0.44 0.97
CA GLY A 154 -2.42 -1.05 -0.29
C GLY A 154 -1.43 -2.04 -0.83
N ASN A 155 -0.58 -2.61 0.02
CA ASN A 155 0.44 -3.57 -0.42
C ASN A 155 1.33 -2.94 -1.50
N SER A 156 1.92 -1.80 -1.16
CA SER A 156 2.76 -1.08 -2.11
C SER A 156 4.22 -1.44 -1.99
N PHE A 157 4.71 -1.65 -0.76
CA PHE A 157 6.13 -1.86 -0.55
C PHE A 157 6.62 -3.09 -1.28
N THR A 158 5.74 -4.05 -1.53
CA THR A 158 6.02 -5.28 -2.27
C THR A 158 6.45 -5.03 -3.71
N HIS A 159 6.29 -3.81 -4.23
CA HIS A 159 6.66 -3.55 -5.62
C HIS A 159 8.17 -3.39 -5.82
N LEU A 160 8.96 -3.33 -4.76
CA LEU A 160 10.42 -3.23 -4.86
C LEU A 160 11.03 -4.63 -4.94
N PHE A 161 11.79 -4.90 -6.00
CA PHE A 161 12.42 -6.21 -6.13
C PHE A 161 13.87 -6.26 -5.67
N ASP A 162 14.48 -5.11 -5.35
CA ASP A 162 15.88 -5.07 -4.94
C ASP A 162 15.96 -4.75 -3.45
N GLU A 163 16.80 -5.51 -2.74
CA GLU A 163 16.92 -5.30 -1.30
C GLU A 163 17.53 -3.94 -0.97
N GLY A 164 18.53 -3.51 -1.75
CA GLY A 164 19.06 -2.16 -1.58
C GLY A 164 17.98 -1.11 -1.65
N ASP A 165 17.10 -1.23 -2.66
CA ASP A 165 15.96 -0.31 -2.76
C ASP A 165 15.05 -0.40 -1.54
N ARG A 166 14.84 -1.61 -1.02
CA ARG A 166 13.97 -1.76 0.15
C ARG A 166 14.56 -1.01 1.35
N ARG A 167 15.84 -1.22 1.63
CA ARG A 167 16.47 -0.52 2.75
C ARG A 167 16.43 0.98 2.55
N LYS A 168 16.80 1.44 1.34
CA LYS A 168 16.82 2.86 1.05
C LYS A 168 15.43 3.48 1.24
N ALA A 169 14.38 2.80 0.79
CA ALA A 169 13.04 3.34 0.91
C ALA A 169 12.67 3.49 2.37
N LEU A 170 12.95 2.46 3.18
CA LEU A 170 12.61 2.54 4.59
C LEU A 170 13.45 3.60 5.30
N ALA A 171 14.72 3.75 4.91
CA ALA A 171 15.53 4.80 5.51
C ALA A 171 14.97 6.17 5.16
N GLU A 172 14.50 6.34 3.92
CA GLU A 172 13.92 7.63 3.55
C GLU A 172 12.67 7.91 4.38
N PHE A 173 11.82 6.89 4.59
CA PHE A 173 10.63 7.09 5.42
C PHE A 173 11.05 7.44 6.85
N TYR A 174 12.04 6.72 7.38
CA TYR A 174 12.49 6.94 8.74
C TYR A 174 12.96 8.37 8.93
N ALA A 175 13.72 8.89 7.95
CA ALA A 175 14.23 10.26 8.07
C ALA A 175 13.12 11.28 7.98
N LEU A 176 12.01 10.95 7.31
CA LEU A 176 10.91 11.89 7.22
C LEU A 176 10.03 11.91 8.46
N LEU A 177 10.24 10.99 9.40
CA LEU A 177 9.45 10.95 10.61
C LEU A 177 10.05 11.86 11.68
N LYS A 178 9.17 12.58 12.38
CA LYS A 178 9.55 13.22 13.63
C LYS A 178 10.00 12.15 14.63
N HIS A 179 10.68 12.61 15.67
CA HIS A 179 11.34 11.69 16.60
C HIS A 179 10.38 10.63 17.13
N ASP A 180 9.13 11.01 17.39
CA ASP A 180 8.14 10.10 17.92
C ASP A 180 7.12 9.67 16.88
N GLY A 181 7.51 9.72 15.61
CA GLY A 181 6.62 9.35 14.52
C GLY A 181 6.46 7.86 14.35
N VAL A 182 5.54 7.50 13.46
CA VAL A 182 5.18 6.10 13.25
C VAL A 182 5.03 5.85 11.76
N LEU A 183 5.44 4.67 11.32
CA LEU A 183 5.24 4.21 9.95
C LEU A 183 4.20 3.11 9.95
N LEU A 184 3.17 3.27 9.12
CA LEU A 184 2.16 2.24 8.92
C LEU A 184 2.38 1.68 7.52
N LEU A 185 2.73 0.41 7.44
CA LEU A 185 3.14 -0.20 6.19
C LEU A 185 2.53 -1.59 6.12
N ASP A 186 1.77 -1.87 5.07
CA ASP A 186 1.09 -3.16 4.99
C ASP A 186 1.63 -3.99 3.83
N GLN A 187 1.13 -5.22 3.74
CA GLN A 187 1.54 -6.19 2.72
C GLN A 187 0.58 -7.35 2.77
N ARG A 188 0.48 -8.06 1.66
CA ARG A 188 -0.18 -9.36 1.67
C ARG A 188 0.61 -10.35 2.51
N ASN A 189 -0.09 -11.39 2.95
CA ASN A 189 0.53 -12.51 3.66
C ASN A 189 1.12 -13.45 2.62
N TYR A 190 2.40 -13.30 2.34
CA TYR A 190 3.05 -14.21 1.43
C TYR A 190 3.55 -15.49 2.10
N ASP A 191 3.71 -15.47 3.43
CA ASP A 191 4.14 -16.69 4.13
C ASP A 191 3.20 -17.84 3.85
N ALA A 192 1.89 -17.57 3.91
CA ALA A 192 0.90 -18.61 3.67
C ALA A 192 1.05 -19.21 2.28
N ILE A 193 1.36 -18.38 1.28
CA ILE A 193 1.51 -18.92 -0.08
C ILE A 193 2.81 -19.70 -0.21
N LEU A 194 3.91 -19.17 0.33
CA LEU A 194 5.21 -19.84 0.17
C LEU A 194 5.26 -21.15 0.95
N ASP A 195 4.48 -21.29 2.02
CA ASP A 195 4.59 -22.43 2.92
C ASP A 195 3.43 -23.40 2.83
N ASP A 196 2.18 -22.93 2.82
CA ASP A 196 1.04 -23.82 2.95
C ASP A 196 0.87 -24.72 1.74
N GLY A 197 1.54 -24.43 0.63
CA GLY A 197 1.60 -25.35 -0.50
C GLY A 197 0.31 -25.51 -1.28
N TYR A 198 -0.16 -26.75 -1.39
CA TYR A 198 -1.39 -27.02 -2.14
C TYR A 198 -2.59 -26.28 -1.56
N SER A 199 -2.62 -26.09 -0.23
CA SER A 199 -3.76 -25.43 0.40
C SER A 199 -3.77 -23.92 0.18
N SER A 200 -2.72 -23.35 -0.43
CA SER A 200 -2.69 -21.92 -0.71
C SER A 200 -3.04 -21.59 -2.16
N LYS A 201 -3.16 -22.59 -3.03
CA LYS A 201 -3.46 -22.39 -4.45
C LYS A 201 -4.97 -22.24 -4.67
N HIS A 202 -5.49 -21.08 -4.27
CA HIS A 202 -6.88 -20.76 -4.54
C HIS A 202 -7.03 -19.24 -4.57
N ALA A 203 -8.14 -18.79 -5.12
CA ALA A 203 -8.39 -17.37 -5.29
C ALA A 203 -8.87 -16.73 -3.99
N HIS A 204 -8.58 -15.45 -3.85
CA HIS A 204 -9.07 -14.62 -2.76
C HIS A 204 -9.94 -13.52 -3.32
N TYR A 205 -11.05 -13.24 -2.65
CA TYR A 205 -12.08 -12.34 -3.18
C TYR A 205 -12.15 -11.06 -2.36
N TYR A 206 -12.48 -9.96 -3.04
CA TYR A 206 -12.53 -8.65 -2.38
C TYR A 206 -13.75 -7.90 -2.83
N CYS A 207 -14.30 -7.10 -1.90
CA CYS A 207 -15.57 -6.39 -2.08
C CYS A 207 -16.63 -7.35 -2.60
N GLY A 208 -17.06 -8.23 -1.71
CA GLY A 208 -17.89 -9.34 -2.12
C GLY A 208 -17.14 -10.16 -3.16
N ASP A 209 -17.73 -10.27 -4.34
CA ASP A 209 -17.13 -11.03 -5.43
C ASP A 209 -16.68 -10.15 -6.59
N THR A 210 -16.49 -8.85 -6.36
CA THR A 210 -16.17 -7.93 -7.45
C THR A 210 -14.82 -8.26 -8.09
N VAL A 211 -13.84 -8.67 -7.30
CA VAL A 211 -12.54 -9.05 -7.83
C VAL A 211 -12.03 -10.28 -7.11
N SER A 212 -11.41 -11.18 -7.87
CA SER A 212 -10.71 -12.32 -7.32
C SER A 212 -9.22 -12.16 -7.61
N VAL A 213 -8.41 -12.68 -6.70
CA VAL A 213 -6.96 -12.58 -6.75
C VAL A 213 -6.41 -13.99 -6.59
N TYR A 214 -5.73 -14.49 -7.62
CA TYR A 214 -5.27 -15.87 -7.64
C TYR A 214 -3.75 -15.91 -7.78
N PRO A 215 -3.04 -16.62 -6.90
CA PRO A 215 -1.58 -16.69 -7.05
C PRO A 215 -1.17 -17.62 -8.20
N GLU A 216 -0.82 -17.05 -9.36
CA GLU A 216 -0.49 -17.87 -10.53
C GLU A 216 0.89 -18.50 -10.38
N HIS A 217 1.81 -17.78 -9.77
CA HIS A 217 3.17 -18.24 -9.64
C HIS A 217 3.75 -17.61 -8.40
N VAL A 218 4.33 -18.43 -7.53
CA VAL A 218 5.01 -17.93 -6.35
C VAL A 218 6.31 -18.70 -6.22
N ASP A 219 7.43 -17.98 -6.15
CA ASP A 219 8.64 -18.53 -5.57
C ASP A 219 9.18 -17.48 -4.60
N GLU A 220 10.33 -17.77 -4.01
CA GLU A 220 10.84 -16.90 -2.96
C GLU A 220 11.19 -15.51 -3.49
N GLY A 221 11.38 -15.38 -4.80
CA GLY A 221 11.75 -14.11 -5.38
C GLY A 221 10.64 -13.41 -6.12
N LEU A 222 9.50 -14.07 -6.32
CA LEU A 222 8.51 -13.47 -7.21
C LEU A 222 7.14 -14.09 -7.00
N ALA A 223 6.14 -13.23 -6.87
CA ALA A 223 4.74 -13.65 -6.85
C ALA A 223 4.02 -12.95 -7.99
N ARG A 224 3.36 -13.72 -8.85
CA ARG A 224 2.50 -13.15 -9.88
C ARG A 224 1.05 -13.53 -9.56
N PHE A 225 0.19 -12.52 -9.42
CA PHE A 225 -1.22 -12.72 -9.12
C PHE A 225 -2.07 -12.39 -10.34
N LYS A 226 -3.11 -13.18 -10.54
CA LYS A 226 -4.13 -12.88 -11.53
C LYS A 226 -5.30 -12.19 -10.83
N TYR A 227 -5.63 -10.99 -11.29
CA TYR A 227 -6.77 -10.23 -10.79
C TYR A 227 -7.87 -10.31 -11.84
N GLU A 228 -9.03 -10.83 -11.46
CA GLU A 228 -10.16 -10.95 -12.36
C GLU A 228 -11.37 -10.27 -11.76
N PHE A 229 -11.95 -9.34 -12.51
CA PHE A 229 -13.07 -8.55 -12.04
C PHE A 229 -14.39 -9.09 -12.55
N SER A 230 -15.46 -8.62 -11.91
CA SER A 230 -16.81 -9.11 -12.20
C SER A 230 -17.23 -8.83 -13.63
N ASP A 231 -16.58 -7.89 -14.33
CA ASP A 231 -16.95 -7.63 -15.71
C ASP A 231 -16.13 -8.44 -16.70
N GLY A 232 -15.29 -9.36 -16.22
CA GLY A 232 -14.45 -10.16 -17.10
C GLY A 232 -13.04 -9.64 -17.29
N SER A 233 -12.72 -8.44 -16.82
CA SER A 233 -11.37 -7.89 -16.99
C SER A 233 -10.35 -8.71 -16.21
N VAL A 234 -9.19 -8.95 -16.81
CA VAL A 234 -8.09 -9.68 -16.18
C VAL A 234 -6.83 -8.84 -16.23
N TYR A 235 -6.12 -8.76 -15.11
CA TYR A 235 -4.80 -8.14 -15.02
C TYR A 235 -3.89 -9.09 -14.28
N ASN A 236 -2.62 -9.12 -14.67
CA ASN A 236 -1.62 -9.93 -14.01
C ASN A 236 -0.51 -9.02 -13.50
N LEU A 237 -0.24 -9.07 -12.19
CA LEU A 237 0.73 -8.17 -11.57
C LEU A 237 1.79 -8.94 -10.80
N ASN A 238 3.02 -8.47 -10.90
CA ASN A 238 4.17 -9.02 -10.19
C ASN A 238 4.42 -8.23 -8.91
N MET A 239 4.86 -8.92 -7.88
CA MET A 239 5.28 -8.25 -6.65
C MET A 239 6.29 -9.12 -5.93
N PHE A 240 6.98 -8.52 -4.99
CA PHE A 240 7.99 -9.30 -4.29
C PHE A 240 7.37 -9.93 -3.05
N PRO A 241 7.49 -11.30 -2.86
CA PRO A 241 6.75 -11.96 -1.75
C PRO A 241 7.44 -11.84 -0.40
N LEU A 242 7.36 -10.64 0.18
CA LEU A 242 7.97 -10.36 1.47
C LEU A 242 7.43 -11.29 2.56
N ARG A 243 8.31 -12.06 3.18
CA ARG A 243 7.91 -12.76 4.39
C ARG A 243 7.69 -11.75 5.52
N LYS A 244 6.75 -12.07 6.39
CA LYS A 244 6.41 -11.18 7.51
C LYS A 244 7.63 -10.81 8.33
N ASP A 245 8.39 -11.81 8.78
CA ASP A 245 9.55 -11.51 9.63
C ASP A 245 10.66 -10.82 8.85
N TYR A 246 10.73 -11.01 7.53
CA TYR A 246 11.72 -10.29 6.74
C TYR A 246 11.43 -8.80 6.75
N THR A 247 10.18 -8.42 6.48
CA THR A 247 9.79 -7.01 6.54
C THR A 247 10.10 -6.42 7.90
N ARG A 248 9.73 -7.14 8.97
CA ARG A 248 10.05 -6.71 10.33
C ARG A 248 11.55 -6.53 10.51
N GLN A 249 12.34 -7.47 10.00
CA GLN A 249 13.78 -7.36 10.10
C GLN A 249 14.30 -6.12 9.37
N LEU A 250 13.79 -5.85 8.17
CA LEU A 250 14.22 -4.64 7.47
C LEU A 250 13.90 -3.39 8.25
N LEU A 251 12.69 -3.33 8.82
CA LEU A 251 12.31 -2.15 9.59
C LEU A 251 13.22 -1.96 10.79
N HIS A 252 13.47 -3.05 11.54
CA HIS A 252 14.38 -2.94 12.68
C HIS A 252 15.75 -2.47 12.23
N GLU A 253 16.23 -2.98 11.10
CA GLU A 253 17.62 -2.76 10.70
C GLU A 253 17.87 -1.33 10.26
N VAL A 254 16.89 -0.65 9.67
CA VAL A 254 17.09 0.75 9.33
C VAL A 254 16.88 1.68 10.50
N GLY A 255 16.50 1.17 11.67
CA GLY A 255 16.47 1.98 12.88
C GLY A 255 15.14 2.07 13.62
N PHE A 256 14.04 1.54 13.10
CA PHE A 256 12.79 1.56 13.86
C PHE A 256 12.94 0.74 15.14
N GLN A 257 12.43 1.28 16.24
CA GLN A 257 12.72 0.74 17.56
C GLN A 257 11.68 -0.22 18.09
N GLU A 258 10.49 -0.25 17.49
CA GLU A 258 9.40 -1.07 18.01
C GLU A 258 8.45 -1.35 16.85
N ILE A 259 8.16 -2.62 16.61
CA ILE A 259 7.33 -3.00 15.47
C ILE A 259 6.23 -3.92 15.97
N ASN A 260 5.00 -3.53 15.73
CA ASN A 260 3.83 -4.34 16.04
C ASN A 260 3.20 -4.76 14.71
N THR A 261 3.11 -6.07 14.48
CA THR A 261 2.56 -6.58 13.23
C THR A 261 1.19 -7.19 13.51
N LEU A 262 0.17 -6.65 12.86
CA LEU A 262 -1.21 -7.08 13.03
C LEU A 262 -1.66 -7.91 11.84
N GLY A 263 -2.34 -9.02 12.13
CA GLY A 263 -3.03 -9.75 11.08
C GLY A 263 -4.26 -8.98 10.63
N ASP A 264 -4.46 -8.92 9.31
CA ASP A 264 -5.54 -8.12 8.75
C ASP A 264 -6.30 -8.99 7.77
N PHE A 265 -7.55 -9.30 8.12
CA PHE A 265 -8.41 -10.16 7.31
C PHE A 265 -9.27 -9.25 6.45
N LYS A 266 -8.90 -9.09 5.19
CA LYS A 266 -9.64 -8.21 4.29
C LYS A 266 -10.50 -8.97 3.29
N GLU A 267 -10.17 -10.24 3.01
CA GLU A 267 -10.84 -10.94 1.92
C GLU A 267 -12.27 -11.34 2.32
N THR A 268 -13.07 -11.59 1.29
CA THR A 268 -14.48 -11.87 1.50
C THR A 268 -14.70 -13.20 2.22
N TYR A 269 -13.91 -14.21 1.91
CA TYR A 269 -14.10 -15.54 2.49
C TYR A 269 -12.91 -15.81 3.41
N LYS A 270 -13.10 -15.55 4.70
CA LYS A 270 -12.00 -15.61 5.66
C LYS A 270 -11.47 -17.03 5.84
N GLU A 271 -10.17 -17.12 6.10
CA GLU A 271 -9.42 -18.33 6.36
C GLU A 271 -8.74 -18.20 7.71
N ASP A 272 -8.08 -19.27 8.13
CA ASP A 272 -7.36 -19.24 9.40
C ASP A 272 -6.24 -18.20 9.37
N GLU A 273 -5.67 -17.97 8.23
CA GLU A 273 -4.59 -17.01 8.13
C GLU A 273 -5.12 -15.72 7.55
N PRO A 274 -4.69 -14.57 8.08
CA PRO A 274 -5.05 -13.30 7.44
C PRO A 274 -4.41 -13.19 6.08
N ASP A 275 -5.08 -12.52 5.17
CA ASP A 275 -4.50 -12.31 3.84
C ASP A 275 -3.57 -11.10 3.79
N PHE A 276 -3.61 -10.24 4.82
CA PHE A 276 -2.75 -9.07 4.92
C PHE A 276 -2.13 -8.99 6.31
N PHE A 277 -0.99 -8.29 6.39
CA PHE A 277 -0.38 -7.86 7.64
C PHE A 277 -0.24 -6.34 7.63
N LEU A 278 -0.43 -5.72 8.78
CA LEU A 278 -0.16 -4.30 8.95
C LEU A 278 0.96 -4.13 9.96
N HIS A 279 2.09 -3.59 9.49
CA HIS A 279 3.21 -3.25 10.38
C HIS A 279 3.04 -1.83 10.91
N VAL A 280 3.12 -1.71 12.23
CA VAL A 280 3.05 -0.44 12.94
C VAL A 280 4.44 -0.23 13.55
N ALA A 281 5.28 0.55 12.88
CA ALA A 281 6.68 0.69 13.28
C ALA A 281 6.89 2.07 13.89
N GLU A 282 7.24 2.09 15.16
CA GLU A 282 7.53 3.34 15.85
C GLU A 282 9.00 3.69 15.71
N LYS A 283 9.26 4.91 15.25
CA LYS A 283 10.64 5.38 15.15
C LYS A 283 11.33 5.34 16.50
N ASN A 284 10.62 5.74 17.56
CA ASN A 284 11.09 5.54 18.92
C ASN A 284 9.97 5.04 19.83
N SAM B . -2.46 3.16 -1.36
CA SAM B . -3.44 3.22 -2.47
C SAM B . -4.69 2.40 -2.18
O SAM B . -4.63 1.44 -1.40
OXT SAM B . -5.78 2.68 -2.69
CB SAM B . -2.80 2.77 -3.79
CG SAM B . -1.58 1.86 -3.65
SD SAM B . -0.95 1.22 -5.23
CE SAM B . -1.09 -0.56 -4.89
C5' SAM B . 0.84 1.45 -5.06
C4' SAM B . 1.37 2.84 -5.45
O4' SAM B . 2.74 3.01 -5.09
C3' SAM B . 1.27 3.07 -6.94
O3' SAM B . 0.45 4.20 -7.13
C2' SAM B . 2.71 3.32 -7.41
O2' SAM B . 2.81 4.37 -8.35
C1' SAM B . 3.47 3.64 -6.13
N9 SAM B . 4.90 3.23 -6.15
C8 SAM B . 5.45 2.01 -6.49
N7 SAM B . 6.80 2.09 -6.37
C5 SAM B . 7.13 3.34 -5.96
C6 SAM B . 8.35 3.98 -5.68
N6 SAM B . 9.52 3.34 -5.79
N1 SAM B . 8.36 5.29 -5.27
C2 SAM B . 7.16 5.98 -5.15
N3 SAM B . 5.96 5.36 -5.43
C4 SAM B . 5.94 4.07 -5.83
N SAR C . -1.08 -4.28 -5.31
CA SAR C . -1.37 -5.69 -5.07
C SAR C . -2.58 -5.92 -4.19
O SAR C . -2.99 -7.04 -3.95
CN SAR C . -0.78 -3.79 -6.64
OXT SAR C . -3.23 -4.98 -3.69
C1 EDO D . -15.26 7.17 -6.19
O1 EDO D . -15.57 6.17 -5.27
C2 EDO D . -13.80 7.49 -6.21
O2 EDO D . -13.15 6.75 -7.19
C1 EDO E . -3.37 -13.39 -0.23
O1 EDO E . -3.03 -12.12 0.21
C2 EDO E . -2.39 -14.41 0.26
O2 EDO E . -2.26 -14.35 1.64
C1 EDO F . -7.26 4.37 6.68
O1 EDO F . -8.38 5.14 6.92
C2 EDO F . -6.59 4.75 5.41
O2 EDO F . -7.24 4.11 4.36
C1 EDO G . -15.11 8.30 0.49
O1 EDO G . -16.32 8.85 0.85
C2 EDO G . -14.84 7.13 1.37
O2 EDO G . -14.49 7.58 2.62
#